data_2GDI
#
_entry.id   2GDI
#
_cell.length_a   148.819
_cell.length_b   29.558
_cell.length_c   95.170
_cell.angle_alpha   90.00
_cell.angle_beta   94.55
_cell.angle_gamma   90.00
#
_symmetry.space_group_name_H-M   'C 1 2 1'
#
loop_
_entity.id
_entity.type
_entity.pdbx_description
1 polymer 'TPP riboswitch'
2 non-polymer 'SODIUM ION'
3 non-polymer 'POTASSIUM ION'
4 non-polymer 'MAGNESIUM ION'
5 non-polymer 'THIAMINE DIPHOSPHATE'
6 water water
#
_entity_poly.entity_id   1
_entity_poly.type   'polyribonucleotide'
_entity_poly.pdbx_seq_one_letter_code
;(GTP)GACUCGGGGUGCCCUUCUGCGUGAAGGCUGAGAAAUACCCGUAUCACCUGAUCUGGAUAAUGCCAGCGUAGGGAA
GUU(CCC)
;
_entity_poly.pdbx_strand_id   X,Y
#